data_7P8G
#
_entry.id   7P8G
#
_cell.length_a   101.423
_cell.length_b   101.423
_cell.length_c   122.625
_cell.angle_alpha   90.000
_cell.angle_beta   90.000
_cell.angle_gamma   90.000
#
_symmetry.space_group_name_H-M   'I 41'
#
loop_
_entity.id
_entity.type
_entity.pdbx_description
1 polymer 'Glucosyl-3-phosphoglycerate synthase'
2 non-polymer 'CHLORIDE ION'
3 non-polymer beta-D-glucopyranose
4 non-polymer 'MALONATE ION'
5 water water
#
_entity_poly.entity_id   1
_entity_poly.type   'polypeptide(L)'
_entity_poly.pdbx_seq_one_letter_code
;MTLVPDLTATDLARHRWLTDNSWTRPTWTVAELEAAKAGRTISVVLPALNEEETVGGVVETIRPLLGGLVDELIVLDSGS
TDDTEIRAMAAGARVISREVALPEVAPQPGKGEVLWRSLAATTGDIIVFIDSDLIDPDPMFVPKLVGPLLLSEGVHLVKG
FYRRPLKTSGSEDAHGGGRVTELVARPLLAALRPELTCVLQPLGGEYAGTRELLMSVPFAPGYGVEIGLLVDTYDRLGLD
AIAQVNLGVRAHRNRPLTDLAAMSRQVIATLFSRCGVPDSGVGLTQFFADGDGFSPRTSEVSLVDRPPMNTLRGKLAAAL
EHHHHHH
;
_entity_poly.pdbx_strand_id   A
#
loop_
_chem_comp.id
_chem_comp.type
_chem_comp.name
_chem_comp.formula
BGC D-saccharide, beta linking beta-D-glucopyranose 'C6 H12 O6'
CL non-polymer 'CHLORIDE ION' 'Cl -1'
MLI non-polymer 'MALONATE ION' 'C3 H2 O4 -2'
#
# COMPACT_ATOMS: atom_id res chain seq x y z
N THR A 2 19.24 -14.24 -5.02
CA THR A 2 20.15 -15.31 -5.42
C THR A 2 19.58 -16.71 -5.15
N LEU A 3 20.46 -17.70 -5.17
CA LEU A 3 20.10 -19.11 -5.08
C LEU A 3 19.97 -19.52 -3.60
N VAL A 4 18.80 -20.03 -3.23
CA VAL A 4 18.49 -20.39 -1.85
C VAL A 4 18.10 -21.87 -1.78
N PRO A 5 19.04 -22.80 -1.94
CA PRO A 5 18.67 -24.23 -1.92
C PRO A 5 18.33 -24.77 -0.52
N ASP A 6 18.48 -23.99 0.54
N ASP A 6 18.49 -23.97 0.53
CA ASP A 6 18.12 -24.45 1.88
CA ASP A 6 18.12 -24.37 1.89
C ASP A 6 16.65 -24.21 2.22
C ASP A 6 16.63 -24.31 2.16
N LEU A 7 15.86 -23.68 1.29
CA LEU A 7 14.45 -23.37 1.51
C LEU A 7 13.60 -24.01 0.42
N THR A 8 12.51 -24.67 0.82
CA THR A 8 11.62 -25.34 -0.12
C THR A 8 10.21 -24.78 -0.04
N ALA A 9 9.42 -25.05 -1.09
CA ALA A 9 8.03 -24.62 -1.09
C ALA A 9 7.26 -25.21 0.09
N THR A 10 7.59 -26.45 0.48
CA THR A 10 6.93 -27.06 1.64
C THR A 10 7.29 -26.34 2.93
N ASP A 11 8.55 -25.90 3.08
CA ASP A 11 8.92 -25.09 4.23
C ASP A 11 8.06 -23.84 4.33
N LEU A 12 7.81 -23.16 3.20
CA LEU A 12 7.06 -21.92 3.22
C LEU A 12 5.59 -22.15 3.58
N ALA A 13 4.99 -23.20 3.04
CA ALA A 13 3.59 -23.50 3.34
C ALA A 13 3.34 -23.77 4.81
N ARG A 14 4.39 -24.08 5.58
CA ARG A 14 4.29 -24.41 7.00
C ARG A 14 4.95 -23.36 7.89
N HIS A 15 5.37 -22.24 7.33
CA HIS A 15 6.22 -21.27 8.02
C HIS A 15 5.54 -20.74 9.28
N ARG A 16 6.31 -20.67 10.38
CA ARG A 16 5.79 -20.18 11.66
C ARG A 16 5.19 -18.78 11.53
N TRP A 17 5.73 -17.96 10.62
CA TRP A 17 5.22 -16.61 10.40
C TRP A 17 3.74 -16.63 10.05
N LEU A 18 3.31 -17.63 9.27
CA LEU A 18 1.90 -17.79 8.97
C LEU A 18 1.02 -17.96 10.21
N THR A 19 1.63 -18.20 11.37
CA THR A 19 0.89 -18.37 12.62
C THR A 19 0.94 -17.13 13.51
N ASP A 20 2.13 -16.62 13.80
CA ASP A 20 2.28 -15.52 14.76
C ASP A 20 2.10 -14.14 14.15
N ASN A 21 2.25 -14.01 12.84
CA ASN A 21 2.18 -12.70 12.18
C ASN A 21 1.03 -12.58 11.20
N SER A 22 0.18 -13.60 11.07
CA SER A 22 -0.94 -13.61 10.14
C SER A 22 -2.22 -13.90 10.90
N TRP A 23 -3.10 -12.90 10.97
CA TRP A 23 -4.38 -12.99 11.68
C TRP A 23 -5.48 -13.30 10.68
N THR A 24 -5.87 -14.57 10.62
CA THR A 24 -6.92 -14.98 9.71
C THR A 24 -8.33 -14.67 10.23
N ARG A 25 -8.48 -14.36 11.52
CA ARG A 25 -9.78 -13.99 12.11
C ARG A 25 -9.56 -12.95 13.19
N PRO A 26 -9.19 -11.73 12.82
CA PRO A 26 -8.96 -10.68 13.82
C PRO A 26 -10.20 -10.42 14.65
N THR A 27 -9.99 -10.17 15.95
CA THR A 27 -11.09 -9.93 16.88
C THR A 27 -10.90 -8.69 17.74
N TRP A 28 -9.89 -7.86 17.46
CA TRP A 28 -9.69 -6.66 18.24
C TRP A 28 -10.93 -5.75 18.14
N THR A 29 -11.07 -4.87 19.12
CA THR A 29 -12.15 -3.88 19.12
C THR A 29 -11.57 -2.48 19.04
N VAL A 30 -12.38 -1.55 18.52
CA VAL A 30 -11.92 -0.17 18.35
C VAL A 30 -11.57 0.44 19.71
N ALA A 31 -12.29 0.08 20.76
CA ALA A 31 -12.03 0.66 22.07
C ALA A 31 -10.68 0.24 22.61
N GLU A 32 -10.36 -1.05 22.50
CA GLU A 32 -9.08 -1.52 23.03
C GLU A 32 -7.91 -1.12 22.13
N LEU A 33 -8.15 -0.92 20.83
CA LEU A 33 -7.10 -0.41 19.97
C LEU A 33 -6.81 1.06 20.29
N GLU A 34 -7.86 1.85 20.47
CA GLU A 34 -7.68 3.23 20.91
C GLU A 34 -6.98 3.29 22.26
N ALA A 35 -7.23 2.28 23.10
CA ALA A 35 -6.58 2.21 24.40
C ALA A 35 -5.07 2.02 24.24
N ALA A 36 -4.66 1.10 23.38
CA ALA A 36 -3.26 0.80 23.13
C ALA A 36 -2.56 1.85 22.28
N LYS A 37 -3.12 3.01 21.96
CA LYS A 37 -2.42 3.96 21.12
C LYS A 37 -1.20 4.53 21.84
N ALA A 38 -1.33 4.76 23.16
CA ALA A 38 -0.21 5.17 24.01
C ALA A 38 0.49 6.42 23.49
N GLY A 39 -0.30 7.38 22.98
CA GLY A 39 0.24 8.62 22.49
C GLY A 39 0.59 8.64 21.01
N ARG A 40 0.65 7.48 20.36
CA ARG A 40 0.78 7.44 18.92
C ARG A 40 -0.52 7.91 18.25
N THR A 41 -0.38 8.72 17.20
CA THR A 41 -1.49 9.17 16.37
C THR A 41 -1.56 8.35 15.07
N ILE A 42 -2.76 8.28 14.50
CA ILE A 42 -3.02 7.47 13.30
C ILE A 42 -3.59 8.38 12.20
N SER A 43 -2.96 8.33 11.02
CA SER A 43 -3.41 9.01 9.82
C SER A 43 -3.90 7.98 8.82
N VAL A 44 -5.05 8.24 8.19
CA VAL A 44 -5.58 7.42 7.13
C VAL A 44 -5.54 8.22 5.84
N VAL A 45 -5.06 7.60 4.77
CA VAL A 45 -4.82 8.28 3.52
C VAL A 45 -5.49 7.48 2.42
N LEU A 46 -6.24 8.16 1.58
CA LEU A 46 -6.92 7.55 0.45
C LEU A 46 -6.36 8.21 -0.80
N PRO A 47 -5.57 7.50 -1.61
CA PRO A 47 -5.15 8.08 -2.89
C PRO A 47 -6.33 8.04 -3.85
N ALA A 48 -6.47 9.08 -4.66
CA ALA A 48 -7.69 9.21 -5.45
C ALA A 48 -7.43 9.96 -6.76
N LEU A 49 -7.70 9.29 -7.88
CA LEU A 49 -7.71 9.90 -9.19
C LEU A 49 -9.02 9.53 -9.88
N ASN A 50 -9.90 10.51 -10.04
CA ASN A 50 -11.21 10.36 -10.69
C ASN A 50 -11.99 9.17 -10.14
N GLU A 51 -12.29 9.22 -8.85
CA GLU A 51 -13.00 8.13 -8.18
C GLU A 51 -14.36 8.59 -7.64
N GLU A 52 -15.06 9.46 -8.38
CA GLU A 52 -16.22 10.15 -7.82
C GLU A 52 -17.30 9.19 -7.33
N GLU A 53 -17.36 7.99 -7.91
CA GLU A 53 -18.46 7.09 -7.60
C GLU A 53 -18.26 6.35 -6.31
N THR A 54 -17.00 6.18 -5.86
CA THR A 54 -16.71 5.32 -4.72
C THR A 54 -16.05 6.05 -3.56
N VAL A 55 -15.47 7.23 -3.77
CA VAL A 55 -14.62 7.82 -2.75
C VAL A 55 -15.43 8.18 -1.51
N GLY A 56 -16.63 8.76 -1.68
CA GLY A 56 -17.43 9.10 -0.51
C GLY A 56 -17.77 7.87 0.30
N GLY A 57 -18.24 6.80 -0.37
CA GLY A 57 -18.54 5.55 0.31
C GLY A 57 -17.37 4.98 1.11
N VAL A 58 -16.15 5.13 0.61
CA VAL A 58 -15.00 4.67 1.39
C VAL A 58 -14.78 5.57 2.59
N VAL A 59 -14.82 6.89 2.37
CA VAL A 59 -14.64 7.84 3.46
C VAL A 59 -15.64 7.59 4.58
N GLU A 60 -16.90 7.30 4.22
CA GLU A 60 -17.94 7.17 5.25
C GLU A 60 -17.69 5.99 6.18
N THR A 61 -17.19 4.87 5.65
CA THR A 61 -16.87 3.73 6.50
C THR A 61 -15.77 4.06 7.52
N ILE A 62 -15.00 5.11 7.29
CA ILE A 62 -13.88 5.45 8.18
C ILE A 62 -14.18 6.68 9.02
N ARG A 63 -15.00 7.62 8.54
CA ARG A 63 -15.30 8.85 9.26
C ARG A 63 -15.76 8.66 10.72
N PRO A 64 -16.52 7.62 11.10
CA PRO A 64 -16.89 7.47 12.51
C PRO A 64 -15.69 7.28 13.45
N LEU A 65 -14.52 6.96 12.89
CA LEU A 65 -13.31 6.79 13.68
C LEU A 65 -12.56 8.09 13.91
N LEU A 66 -12.87 9.15 13.16
CA LEU A 66 -12.12 10.38 13.26
C LEU A 66 -12.38 11.05 14.60
N GLY A 67 -11.30 11.49 15.27
CA GLY A 67 -11.37 12.00 16.62
C GLY A 67 -11.26 10.95 17.69
N GLY A 68 -11.28 9.67 17.33
CA GLY A 68 -11.11 8.60 18.27
C GLY A 68 -9.88 7.81 17.90
N LEU A 69 -10.09 6.60 17.35
CA LEU A 69 -8.95 5.81 16.89
C LEU A 69 -8.15 6.56 15.83
N VAL A 70 -8.83 7.11 14.82
CA VAL A 70 -8.17 7.79 13.72
C VAL A 70 -8.04 9.27 14.06
N ASP A 71 -6.84 9.82 13.87
CA ASP A 71 -6.57 11.24 14.13
C ASP A 71 -6.62 12.11 12.88
N GLU A 72 -6.50 11.51 11.69
CA GLU A 72 -6.45 12.25 10.43
C GLU A 72 -7.06 11.36 9.36
N LEU A 73 -7.90 11.96 8.51
CA LEU A 73 -8.58 11.22 7.44
C LEU A 73 -8.47 12.10 6.19
N ILE A 74 -7.60 11.69 5.28
CA ILE A 74 -7.21 12.53 4.15
C ILE A 74 -7.46 11.76 2.88
N VAL A 75 -7.96 12.47 1.88
CA VAL A 75 -8.02 11.98 0.51
C VAL A 75 -6.96 12.79 -0.22
N LEU A 76 -6.00 12.09 -0.81
CA LEU A 76 -4.95 12.76 -1.57
C LEU A 76 -5.34 12.74 -3.04
N ASP A 77 -5.85 13.88 -3.52
CA ASP A 77 -6.38 13.99 -4.87
C ASP A 77 -5.24 14.12 -5.87
N SER A 78 -5.23 13.26 -6.89
CA SER A 78 -4.14 13.23 -7.86
C SER A 78 -4.49 13.96 -9.14
N GLY A 79 -5.13 15.12 -9.05
CA GLY A 79 -5.50 15.86 -10.22
C GLY A 79 -6.83 15.43 -10.84
N SER A 80 -7.79 15.03 -10.02
CA SER A 80 -9.05 14.53 -10.57
C SER A 80 -9.77 15.64 -11.31
N THR A 81 -10.43 15.26 -12.42
CA THR A 81 -11.29 16.18 -13.17
C THR A 81 -12.79 15.88 -13.01
N ASP A 82 -13.15 14.78 -12.38
CA ASP A 82 -14.55 14.57 -12.02
C ASP A 82 -14.85 15.24 -10.68
N ASP A 83 -15.86 14.74 -9.95
CA ASP A 83 -16.25 15.37 -8.69
C ASP A 83 -15.63 14.68 -7.47
N THR A 84 -14.47 14.01 -7.65
CA THR A 84 -13.84 13.30 -6.53
C THR A 84 -13.66 14.20 -5.31
N GLU A 85 -13.18 15.44 -5.51
CA GLU A 85 -12.80 16.27 -4.37
C GLU A 85 -14.00 16.69 -3.54
N ILE A 86 -15.01 17.28 -4.20
CA ILE A 86 -16.18 17.75 -3.47
C ILE A 86 -16.89 16.58 -2.78
N ARG A 87 -16.96 15.43 -3.45
CA ARG A 87 -17.67 14.31 -2.84
C ARG A 87 -16.92 13.77 -1.62
N ALA A 88 -15.59 13.74 -1.69
CA ALA A 88 -14.80 13.35 -0.53
C ALA A 88 -15.00 14.32 0.62
N MET A 89 -14.97 15.62 0.33
CA MET A 89 -15.22 16.61 1.38
C MET A 89 -16.62 16.45 1.96
N ALA A 90 -17.61 16.21 1.08
CA ALA A 90 -18.99 16.05 1.54
C ALA A 90 -19.18 14.80 2.38
N ALA A 91 -18.30 13.81 2.24
CA ALA A 91 -18.36 12.61 3.08
C ALA A 91 -17.55 12.75 4.36
N GLY A 92 -16.99 13.92 4.62
CA GLY A 92 -16.33 14.18 5.88
C GLY A 92 -14.82 14.07 5.88
N ALA A 93 -14.17 13.96 4.71
CA ALA A 93 -12.72 13.84 4.64
C ALA A 93 -12.08 15.16 4.30
N ARG A 94 -10.82 15.29 4.73
CA ARG A 94 -9.97 16.39 4.29
C ARG A 94 -9.35 16.00 2.95
N VAL A 95 -9.39 16.90 1.97
CA VAL A 95 -8.84 16.62 0.66
C VAL A 95 -7.66 17.53 0.40
N ILE A 96 -6.55 16.93 -0.06
CA ILE A 96 -5.28 17.64 -0.29
C ILE A 96 -4.78 17.25 -1.68
N SER A 97 -4.47 18.26 -2.50
CA SER A 97 -3.87 18.00 -3.79
C SER A 97 -2.39 17.61 -3.62
N ARG A 98 -1.80 17.07 -4.69
CA ARG A 98 -0.37 16.79 -4.67
C ARG A 98 0.44 18.06 -4.52
N GLU A 99 -0.03 19.16 -5.11
CA GLU A 99 0.70 20.43 -4.99
C GLU A 99 0.68 20.93 -3.55
N VAL A 100 -0.47 20.87 -2.89
CA VAL A 100 -0.57 21.34 -1.50
C VAL A 100 0.23 20.43 -0.58
N ALA A 101 0.30 19.13 -0.89
CA ALA A 101 1.02 18.20 -0.03
C ALA A 101 2.52 18.48 -0.02
N LEU A 102 3.08 18.93 -1.11
CA LEU A 102 4.53 19.15 -1.23
C LEU A 102 4.73 20.15 -2.36
N PRO A 103 4.58 21.45 -2.10
CA PRO A 103 4.54 22.42 -3.20
C PRO A 103 5.88 22.64 -3.88
N GLU A 104 7.00 22.33 -3.21
CA GLU A 104 8.32 22.57 -3.80
C GLU A 104 8.61 21.70 -5.02
N VAL A 105 7.95 20.54 -5.13
CA VAL A 105 8.26 19.54 -6.14
C VAL A 105 7.07 19.39 -7.09
N ALA A 106 7.33 19.45 -8.39
CA ALA A 106 6.26 19.32 -9.37
C ALA A 106 5.72 17.88 -9.35
N PRO A 107 4.41 17.68 -9.50
CA PRO A 107 3.87 16.33 -9.44
C PRO A 107 4.29 15.48 -10.63
N GLN A 108 4.66 14.22 -10.34
CA GLN A 108 4.76 13.14 -11.32
C GLN A 108 3.49 12.33 -11.32
N PRO A 109 3.13 11.69 -12.44
CA PRO A 109 1.96 10.82 -12.44
C PRO A 109 2.21 9.54 -11.64
N GLY A 110 1.13 9.01 -11.09
CA GLY A 110 1.17 7.68 -10.54
C GLY A 110 0.73 7.63 -9.09
N LYS A 111 0.31 6.44 -8.65
CA LYS A 111 -0.11 6.24 -7.26
C LYS A 111 1.05 6.43 -6.29
N GLY A 112 2.22 5.85 -6.59
CA GLY A 112 3.37 5.98 -5.70
C GLY A 112 3.68 7.43 -5.37
N GLU A 113 3.65 8.30 -6.37
CA GLU A 113 3.88 9.72 -6.11
C GLU A 113 2.92 10.23 -5.05
N VAL A 114 1.63 9.89 -5.20
CA VAL A 114 0.59 10.37 -4.29
C VAL A 114 0.88 9.93 -2.86
N LEU A 115 1.18 8.65 -2.67
CA LEU A 115 1.39 8.14 -1.32
C LEU A 115 2.66 8.72 -0.70
N TRP A 116 3.70 8.91 -1.52
CA TRP A 116 4.93 9.56 -1.05
C TRP A 116 4.64 10.98 -0.57
N ARG A 117 3.92 11.76 -1.37
CA ARG A 117 3.59 13.12 -0.97
C ARG A 117 2.75 13.16 0.30
N SER A 118 1.90 12.15 0.52
CA SER A 118 1.09 12.18 1.74
C SER A 118 1.93 12.06 3.00
N LEU A 119 3.16 11.52 2.89
CA LEU A 119 4.04 11.53 4.06
C LEU A 119 4.27 12.95 4.55
N ALA A 120 4.36 13.90 3.62
CA ALA A 120 4.60 15.29 3.97
C ALA A 120 3.34 16.03 4.41
N ALA A 121 2.16 15.50 4.10
CA ALA A 121 0.90 16.15 4.44
C ALA A 121 0.26 15.59 5.71
N THR A 122 0.70 14.43 6.17
CA THR A 122 0.16 13.79 7.36
C THR A 122 1.10 13.98 8.54
N THR A 123 0.59 13.67 9.74
CA THR A 123 1.38 13.78 10.96
C THR A 123 1.35 12.53 11.82
N GLY A 124 0.54 11.53 11.49
CA GLY A 124 0.43 10.36 12.35
C GLY A 124 1.74 9.58 12.45
N ASP A 125 1.98 9.03 13.64
CA ASP A 125 3.05 8.06 13.81
C ASP A 125 2.76 6.76 13.07
N ILE A 126 1.51 6.54 12.69
CA ILE A 126 1.05 5.40 11.91
C ILE A 126 0.24 5.94 10.75
N ILE A 127 0.45 5.39 9.56
CA ILE A 127 -0.25 5.82 8.36
C ILE A 127 -0.92 4.61 7.74
N VAL A 128 -2.22 4.71 7.49
CA VAL A 128 -2.98 3.65 6.85
C VAL A 128 -3.33 4.12 5.44
N PHE A 129 -3.14 3.24 4.47
CA PHE A 129 -3.53 3.54 3.10
C PHE A 129 -4.71 2.67 2.73
N ILE A 130 -5.70 3.28 2.10
CA ILE A 130 -6.92 2.59 1.67
C ILE A 130 -7.26 3.07 0.26
N ASP A 131 -7.41 2.14 -0.67
CA ASP A 131 -7.82 2.50 -2.02
C ASP A 131 -9.20 3.16 -1.99
N SER A 132 -9.38 4.15 -2.86
CA SER A 132 -10.62 4.91 -2.89
C SER A 132 -11.57 4.38 -3.97
N ASP A 133 -11.21 3.30 -4.66
CA ASP A 133 -12.08 2.69 -5.65
C ASP A 133 -12.84 1.48 -5.12
N LEU A 134 -12.73 1.19 -3.82
CA LEU A 134 -13.36 0.01 -3.26
C LEU A 134 -14.88 0.13 -3.33
N ILE A 135 -15.53 -0.92 -3.86
CA ILE A 135 -16.98 -0.88 -4.03
C ILE A 135 -17.68 -1.18 -2.72
N ASP A 136 -17.18 -2.17 -1.97
CA ASP A 136 -17.82 -2.64 -0.74
C ASP A 136 -16.84 -2.54 0.43
N PRO A 137 -16.51 -1.33 0.89
CA PRO A 137 -15.53 -1.19 1.98
C PRO A 137 -16.18 -1.46 3.33
N ASP A 138 -15.52 -2.27 4.14
CA ASP A 138 -16.02 -2.59 5.45
C ASP A 138 -15.40 -1.67 6.51
N PRO A 139 -16.19 -1.21 7.48
CA PRO A 139 -15.68 -0.22 8.46
C PRO A 139 -14.65 -0.78 9.43
N MET A 140 -14.38 -2.07 9.43
CA MET A 140 -13.31 -2.62 10.26
C MET A 140 -11.94 -2.60 9.58
N PHE A 141 -11.82 -2.03 8.36
CA PHE A 141 -10.55 -2.04 7.64
C PHE A 141 -9.44 -1.39 8.44
N VAL A 142 -9.62 -0.10 8.76
CA VAL A 142 -8.62 0.61 9.54
C VAL A 142 -8.28 -0.10 10.85
N PRO A 143 -9.26 -0.53 11.67
CA PRO A 143 -8.89 -1.20 12.93
C PRO A 143 -8.12 -2.49 12.73
N LYS A 144 -8.47 -3.28 11.73
CA LYS A 144 -7.76 -4.53 11.51
C LYS A 144 -6.35 -4.31 10.98
N LEU A 145 -6.11 -3.18 10.31
CA LEU A 145 -4.78 -2.87 9.80
C LEU A 145 -3.84 -2.34 10.87
N VAL A 146 -4.37 -1.62 11.87
CA VAL A 146 -3.53 -1.09 12.93
C VAL A 146 -3.40 -2.02 14.12
N GLY A 147 -4.16 -3.12 14.14
CA GLY A 147 -4.06 -4.12 15.19
C GLY A 147 -2.63 -4.47 15.54
N PRO A 148 -1.90 -5.09 14.60
CA PRO A 148 -0.54 -5.53 14.93
C PRO A 148 0.40 -4.39 15.28
N LEU A 149 0.26 -3.21 14.67
CA LEU A 149 1.16 -2.11 15.00
C LEU A 149 0.96 -1.65 16.44
N LEU A 150 -0.27 -1.67 16.93
CA LEU A 150 -0.53 -1.17 18.27
C LEU A 150 -0.31 -2.21 19.36
N LEU A 151 -0.59 -3.48 19.07
CA LEU A 151 -0.46 -4.52 20.08
C LEU A 151 0.85 -5.31 19.93
N SER A 152 0.99 -6.04 18.83
CA SER A 152 2.17 -6.87 18.62
C SER A 152 3.46 -6.05 18.66
N GLU A 153 4.55 -6.70 19.04
CA GLU A 153 5.84 -6.04 19.12
C GLU A 153 6.60 -6.20 17.81
N GLY A 154 7.26 -5.14 17.37
CA GLY A 154 8.15 -5.20 16.23
C GLY A 154 7.52 -5.29 14.86
N VAL A 155 6.19 -5.27 14.75
CA VAL A 155 5.56 -5.17 13.45
C VAL A 155 5.63 -3.72 12.98
N HIS A 156 6.00 -3.53 11.72
CA HIS A 156 6.07 -2.19 11.14
C HIS A 156 5.30 -2.04 9.85
N LEU A 157 4.82 -3.13 9.26
CA LEU A 157 4.04 -3.10 8.03
C LEU A 157 2.94 -4.15 8.13
N VAL A 158 1.71 -3.76 7.85
CA VAL A 158 0.58 -4.69 7.90
C VAL A 158 -0.14 -4.65 6.57
N LYS A 159 -0.18 -5.79 5.88
CA LYS A 159 -0.87 -5.93 4.61
C LYS A 159 -2.24 -6.56 4.85
N GLY A 160 -3.30 -5.88 4.42
CA GLY A 160 -4.63 -6.43 4.56
C GLY A 160 -5.03 -7.30 3.39
N PHE A 161 -5.41 -8.56 3.64
CA PHE A 161 -5.86 -9.42 2.57
C PHE A 161 -7.36 -9.71 2.66
N TYR A 162 -7.93 -10.07 1.53
CA TYR A 162 -9.32 -10.52 1.43
C TYR A 162 -9.33 -12.00 1.06
N ARG A 163 -10.14 -12.79 1.76
CA ARG A 163 -10.36 -14.15 1.30
C ARG A 163 -11.34 -14.13 0.15
N ARG A 164 -11.11 -15.00 -0.82
CA ARG A 164 -11.97 -15.05 -1.99
C ARG A 164 -13.24 -15.85 -1.69
N PRO A 165 -14.38 -15.48 -2.30
CA PRO A 165 -15.67 -16.09 -1.94
C PRO A 165 -15.77 -17.60 -2.18
N LEU A 166 -16.98 -18.12 -1.98
CA LEU A 166 -17.25 -19.56 -2.06
C LEU A 166 -16.93 -20.13 -3.43
N GLY A 177 -9.67 -13.57 -7.46
CA GLY A 177 -8.32 -13.95 -7.86
C GLY A 177 -7.61 -12.94 -8.77
N GLY A 178 -6.71 -12.16 -8.18
CA GLY A 178 -5.98 -11.15 -8.95
C GLY A 178 -4.89 -11.80 -9.78
N ARG A 179 -4.95 -11.60 -11.11
CA ARG A 179 -4.09 -12.38 -12.00
C ARG A 179 -2.65 -11.88 -11.98
N VAL A 180 -2.43 -10.58 -11.83
CA VAL A 180 -1.07 -10.07 -11.71
C VAL A 180 -0.46 -10.57 -10.40
N THR A 181 -1.22 -10.53 -9.31
CA THR A 181 -0.75 -11.08 -8.05
C THR A 181 -0.36 -12.54 -8.19
N GLU A 182 -1.24 -13.36 -8.78
CA GLU A 182 -1.04 -14.82 -8.79
C GLU A 182 0.00 -15.26 -9.81
N LEU A 183 0.03 -14.64 -10.98
CA LEU A 183 0.90 -15.08 -12.05
C LEU A 183 2.23 -14.31 -12.11
N VAL A 184 2.28 -13.07 -11.63
CA VAL A 184 3.47 -12.23 -11.73
C VAL A 184 4.10 -11.99 -10.37
N ALA A 185 3.37 -11.34 -9.47
CA ALA A 185 4.01 -10.87 -8.25
C ALA A 185 4.44 -12.03 -7.36
N ARG A 186 3.54 -12.97 -7.08
CA ARG A 186 3.93 -14.05 -6.18
C ARG A 186 4.96 -15.01 -6.78
N PRO A 187 4.85 -15.41 -8.05
CA PRO A 187 5.93 -16.24 -8.62
C PRO A 187 7.29 -15.54 -8.68
N LEU A 188 7.33 -14.24 -8.99
CA LEU A 188 8.62 -13.54 -9.01
C LEU A 188 9.19 -13.42 -7.60
N LEU A 189 8.33 -13.22 -6.61
CA LEU A 189 8.78 -13.27 -5.22
C LEU A 189 9.31 -14.65 -4.86
N ALA A 190 8.70 -15.71 -5.37
CA ALA A 190 9.25 -17.05 -5.11
C ALA A 190 10.68 -17.15 -5.62
N ALA A 191 10.94 -16.55 -6.78
CA ALA A 191 12.26 -16.62 -7.40
C ALA A 191 13.26 -15.68 -6.72
N LEU A 192 12.82 -14.51 -6.22
CA LEU A 192 13.73 -13.46 -5.80
C LEU A 192 13.71 -13.15 -4.31
N ARG A 193 12.58 -13.33 -3.64
CA ARG A 193 12.45 -13.09 -2.19
C ARG A 193 11.53 -14.16 -1.63
N PRO A 194 11.98 -15.42 -1.59
CA PRO A 194 11.04 -16.53 -1.37
C PRO A 194 10.23 -16.42 -0.09
N GLU A 195 10.80 -15.87 0.98
CA GLU A 195 10.05 -15.74 2.22
C GLU A 195 8.78 -14.92 2.04
N LEU A 196 8.78 -13.96 1.10
CA LEU A 196 7.65 -13.07 0.92
C LEU A 196 6.49 -13.74 0.19
N THR A 197 6.63 -14.99 -0.27
CA THR A 197 5.46 -15.69 -0.78
C THR A 197 4.48 -16.03 0.32
N CYS A 198 4.88 -15.88 1.57
CA CYS A 198 3.96 -16.04 2.69
C CYS A 198 2.91 -14.95 2.70
N VAL A 199 3.16 -13.83 2.03
CA VAL A 199 2.21 -12.72 2.00
C VAL A 199 1.14 -13.03 0.96
N LEU A 200 -0.11 -13.08 1.41
CA LEU A 200 -1.17 -13.54 0.53
C LEU A 200 -1.36 -12.63 -0.68
N GLN A 201 -1.39 -11.32 -0.47
CA GLN A 201 -1.73 -10.36 -1.51
C GLN A 201 -0.71 -9.22 -1.48
N PRO A 202 0.50 -9.45 -2.02
CA PRO A 202 1.55 -8.45 -1.91
C PRO A 202 1.23 -7.11 -2.56
N LEU A 203 0.38 -7.10 -3.59
CA LEU A 203 0.04 -5.87 -4.28
C LEU A 203 -1.13 -5.11 -3.65
N GLY A 204 -1.58 -5.51 -2.47
CA GLY A 204 -2.84 -4.99 -1.94
C GLY A 204 -2.76 -3.51 -1.60
N GLY A 205 -3.86 -2.80 -1.86
CA GLY A 205 -3.91 -1.37 -1.58
C GLY A 205 -4.24 -1.00 -0.15
N GLU A 206 -4.63 -1.97 0.69
CA GLU A 206 -4.96 -1.69 2.09
C GLU A 206 -3.79 -2.15 2.97
N TYR A 207 -3.06 -1.19 3.53
CA TYR A 207 -1.96 -1.54 4.40
C TYR A 207 -1.62 -0.36 5.28
N ALA A 208 -0.97 -0.66 6.40
CA ALA A 208 -0.56 0.36 7.35
C ALA A 208 0.91 0.17 7.65
N GLY A 209 1.57 1.26 8.03
CA GLY A 209 2.98 1.23 8.34
C GLY A 209 3.32 2.34 9.31
N THR A 210 4.42 2.15 10.04
CA THR A 210 4.91 3.16 10.96
C THR A 210 5.57 4.29 10.19
N ARG A 211 5.51 5.51 10.75
CA ARG A 211 6.11 6.65 10.06
C ARG A 211 7.62 6.47 9.91
N GLU A 212 8.26 5.99 10.98
CA GLU A 212 9.69 5.75 10.96
C GLU A 212 10.09 4.96 9.72
N LEU A 213 9.43 3.83 9.49
CA LEU A 213 9.71 2.99 8.32
C LEU A 213 9.42 3.73 7.02
N LEU A 214 8.25 4.36 6.90
CA LEU A 214 7.84 4.89 5.61
C LEU A 214 8.64 6.13 5.23
N MET A 215 9.09 6.89 6.22
CA MET A 215 9.91 8.06 5.91
C MET A 215 11.29 7.69 5.39
N SER A 216 11.69 6.43 5.52
CA SER A 216 13.10 6.05 5.36
C SER A 216 13.31 5.08 4.20
N VAL A 217 12.28 4.79 3.42
CA VAL A 217 12.43 3.95 2.25
C VAL A 217 12.01 4.76 1.02
N PRO A 218 12.57 4.48 -0.16
CA PRO A 218 12.10 5.16 -1.36
C PRO A 218 10.68 4.71 -1.69
N PHE A 219 10.03 5.45 -2.58
CA PHE A 219 8.71 5.06 -3.05
C PHE A 219 8.78 4.79 -4.53
N ALA A 220 8.55 3.54 -4.91
CA ALA A 220 8.41 3.23 -6.32
C ALA A 220 7.28 4.06 -6.94
N PRO A 221 7.42 4.45 -8.19
CA PRO A 221 6.36 5.20 -8.84
C PRO A 221 5.28 4.27 -9.38
N GLY A 222 4.09 4.83 -9.53
CA GLY A 222 3.04 4.12 -10.26
C GLY A 222 2.58 2.88 -9.54
N TYR A 223 2.32 1.83 -10.32
CA TYR A 223 1.87 0.55 -9.81
C TYR A 223 2.96 -0.23 -9.08
N GLY A 224 4.20 0.25 -9.06
CA GLY A 224 5.20 -0.44 -8.28
C GLY A 224 5.13 -0.23 -6.78
N VAL A 225 4.35 0.76 -6.30
CA VAL A 225 4.56 1.28 -4.96
C VAL A 225 4.36 0.20 -3.90
N GLU A 226 3.28 -0.62 -4.02
CA GLU A 226 2.98 -1.58 -2.95
C GLU A 226 4.05 -2.65 -2.84
N ILE A 227 4.44 -3.25 -3.96
CA ILE A 227 5.42 -4.32 -3.87
C ILE A 227 6.78 -3.75 -3.51
N GLY A 228 7.09 -2.54 -3.97
CA GLY A 228 8.34 -1.92 -3.60
C GLY A 228 8.45 -1.69 -2.11
N LEU A 229 7.36 -1.24 -1.49
CA LEU A 229 7.33 -1.01 -0.05
C LEU A 229 7.43 -2.33 0.72
N LEU A 230 6.79 -3.38 0.21
CA LEU A 230 6.91 -4.68 0.86
C LEU A 230 8.35 -5.18 0.85
N VAL A 231 9.00 -5.09 -0.31
CA VAL A 231 10.34 -5.66 -0.45
C VAL A 231 11.37 -4.83 0.31
N ASP A 232 11.23 -3.50 0.31
CA ASP A 232 12.16 -2.67 1.06
C ASP A 232 11.99 -2.87 2.56
N THR A 233 10.75 -3.04 3.04
CA THR A 233 10.55 -3.35 4.45
C THR A 233 11.23 -4.66 4.81
N TYR A 234 10.99 -5.69 3.99
CA TYR A 234 11.57 -7.00 4.24
C TYR A 234 13.10 -6.92 4.28
N ASP A 235 13.71 -6.31 3.26
CA ASP A 235 15.16 -6.19 3.23
C ASP A 235 15.68 -5.43 4.44
N ARG A 236 14.97 -4.38 4.86
CA ARG A 236 15.50 -3.55 5.94
C ARG A 236 15.28 -4.18 7.31
N LEU A 237 14.17 -4.89 7.54
CA LEU A 237 13.80 -5.31 8.88
C LEU A 237 13.48 -6.79 9.03
N GLY A 238 13.46 -7.56 7.95
CA GLY A 238 13.14 -8.96 8.05
C GLY A 238 11.65 -9.24 8.04
N LEU A 239 11.31 -10.51 7.82
CA LEU A 239 9.91 -10.92 7.65
C LEU A 239 9.08 -10.65 8.89
N ASP A 240 9.69 -10.75 10.08
CA ASP A 240 8.95 -10.58 11.32
C ASP A 240 8.42 -9.17 11.51
N ALA A 241 8.97 -8.19 10.81
CA ALA A 241 8.45 -6.82 10.88
C ALA A 241 7.16 -6.64 10.08
N ILE A 242 6.76 -7.64 9.31
CA ILE A 242 5.60 -7.58 8.44
C ILE A 242 4.51 -8.48 9.00
N ALA A 243 3.25 -8.03 8.88
CA ALA A 243 2.09 -8.83 9.26
C ALA A 243 1.02 -8.74 8.17
N GLN A 244 0.05 -9.65 8.24
CA GLN A 244 -1.12 -9.58 7.37
C GLN A 244 -2.36 -9.94 8.17
N VAL A 245 -3.50 -9.35 7.79
CA VAL A 245 -4.77 -9.56 8.48
C VAL A 245 -5.88 -9.71 7.45
N ASN A 246 -6.86 -10.53 7.79
CA ASN A 246 -8.01 -10.73 6.92
C ASN A 246 -8.96 -9.54 7.08
N LEU A 247 -9.30 -8.89 5.97
CA LEU A 247 -10.21 -7.75 6.03
C LEU A 247 -11.65 -8.12 5.76
N GLY A 248 -11.89 -9.31 5.22
CA GLY A 248 -13.22 -9.81 4.96
C GLY A 248 -13.28 -10.46 3.60
N VAL A 249 -14.49 -10.72 3.14
CA VAL A 249 -14.71 -11.37 1.85
C VAL A 249 -15.05 -10.27 0.86
N ARG A 250 -14.01 -9.71 0.24
CA ARG A 250 -14.17 -8.97 -0.99
C ARG A 250 -13.93 -9.92 -2.16
N ALA A 251 -14.78 -9.84 -3.17
CA ALA A 251 -14.57 -10.54 -4.43
C ALA A 251 -13.76 -9.65 -5.37
N HIS A 252 -13.00 -10.27 -6.26
CA HIS A 252 -12.08 -9.50 -7.08
C HIS A 252 -12.82 -8.74 -8.18
N ARG A 253 -12.47 -7.46 -8.34
CA ARG A 253 -13.06 -6.60 -9.35
C ARG A 253 -12.34 -6.77 -10.68
N ASN A 254 -13.08 -6.53 -11.76
CA ASN A 254 -12.59 -6.78 -13.12
C ASN A 254 -11.79 -5.60 -13.66
N ARG A 255 -10.67 -5.92 -14.32
CA ARG A 255 -9.83 -5.00 -15.07
C ARG A 255 -9.50 -5.62 -16.42
N PRO A 256 -9.22 -4.80 -17.44
CA PRO A 256 -8.82 -5.34 -18.75
C PRO A 256 -7.37 -5.82 -18.77
N LEU A 257 -7.15 -6.87 -19.58
CA LEU A 257 -5.82 -7.49 -19.64
C LEU A 257 -4.75 -6.50 -20.08
N THR A 258 -5.11 -5.52 -20.90
CA THR A 258 -4.12 -4.54 -21.38
C THR A 258 -3.64 -3.62 -20.26
N ASP A 259 -4.57 -3.20 -19.39
CA ASP A 259 -4.17 -2.55 -18.14
C ASP A 259 -3.25 -3.45 -17.35
N LEU A 260 -3.64 -4.71 -17.17
CA LEU A 260 -2.88 -5.63 -16.33
C LEU A 260 -1.49 -5.89 -16.90
N ALA A 261 -1.35 -5.88 -18.23
CA ALA A 261 -0.05 -6.14 -18.84
C ALA A 261 0.93 -5.01 -18.53
N ALA A 262 0.48 -3.76 -18.69
CA ALA A 262 1.33 -2.63 -18.37
C ALA A 262 1.61 -2.57 -16.87
N MET A 263 0.61 -2.85 -16.05
CA MET A 263 0.82 -2.88 -14.60
C MET A 263 1.86 -3.93 -14.24
N SER A 264 1.76 -5.11 -14.86
CA SER A 264 2.72 -6.17 -14.62
C SER A 264 4.14 -5.71 -14.97
N ARG A 265 4.30 -5.03 -16.11
CA ARG A 265 5.61 -4.56 -16.51
C ARG A 265 6.23 -3.67 -15.43
N GLN A 266 5.42 -2.81 -14.80
CA GLN A 266 5.96 -1.91 -13.78
C GLN A 266 6.25 -2.64 -12.48
N VAL A 267 5.42 -3.64 -12.14
CA VAL A 267 5.70 -4.50 -11.00
C VAL A 267 7.06 -5.18 -11.17
N ILE A 268 7.34 -5.66 -12.38
CA ILE A 268 8.60 -6.33 -12.67
C ILE A 268 9.76 -5.34 -12.51
N ALA A 269 9.63 -4.15 -13.09
CA ALA A 269 10.69 -3.16 -13.01
C ALA A 269 10.96 -2.77 -11.56
N THR A 270 9.90 -2.58 -10.78
CA THR A 270 10.06 -2.21 -9.38
C THR A 270 10.71 -3.33 -8.58
N LEU A 271 10.41 -4.58 -8.92
CA LEU A 271 11.02 -5.70 -8.19
C LEU A 271 12.45 -5.89 -8.62
N PHE A 272 12.71 -5.87 -9.93
CA PHE A 272 14.08 -5.94 -10.43
C PHE A 272 14.94 -4.85 -9.80
N SER A 273 14.39 -3.64 -9.69
CA SER A 273 15.11 -2.52 -9.09
C SER A 273 15.56 -2.85 -7.66
N ARG A 274 14.69 -3.46 -6.87
CA ARG A 274 15.07 -3.77 -5.50
C ARG A 274 15.91 -5.02 -5.37
N CYS A 275 15.90 -5.92 -6.37
CA CYS A 275 16.53 -7.22 -6.19
C CYS A 275 17.81 -7.36 -7.00
N GLY A 276 18.42 -6.25 -7.40
CA GLY A 276 19.70 -6.27 -8.08
C GLY A 276 19.66 -6.79 -9.50
N VAL A 277 18.48 -6.89 -10.10
CA VAL A 277 18.30 -7.42 -11.46
C VAL A 277 18.30 -6.23 -12.42
N PRO A 278 19.21 -6.18 -13.39
CA PRO A 278 19.20 -5.05 -14.34
C PRO A 278 18.02 -5.09 -15.30
N ASP A 279 17.09 -4.15 -15.10
CA ASP A 279 15.94 -3.99 -15.99
C ASP A 279 16.32 -3.14 -17.19
N SER A 280 15.82 -3.52 -18.37
CA SER A 280 16.16 -2.82 -19.61
C SER A 280 15.61 -1.41 -19.66
N GLY A 281 14.58 -1.10 -18.86
CA GLY A 281 13.90 0.17 -18.95
C GLY A 281 12.95 0.31 -20.13
N VAL A 282 12.88 -0.71 -21.00
CA VAL A 282 12.02 -0.65 -22.17
C VAL A 282 10.58 -0.95 -21.75
N GLY A 283 9.65 -0.11 -22.19
CA GLY A 283 8.25 -0.32 -21.92
C GLY A 283 7.69 -1.49 -22.71
N LEU A 284 6.44 -1.81 -22.39
CA LEU A 284 5.78 -2.98 -22.96
C LEU A 284 5.00 -2.60 -24.22
N THR A 285 5.28 -3.28 -25.32
CA THR A 285 4.47 -3.18 -26.53
C THR A 285 3.46 -4.31 -26.57
N GLN A 286 2.26 -4.02 -27.08
CA GLN A 286 1.24 -5.04 -27.28
C GLN A 286 0.73 -4.93 -28.71
N PHE A 287 0.39 -6.08 -29.31
CA PHE A 287 0.02 -6.13 -30.71
C PHE A 287 -1.38 -6.71 -30.90
N PHE A 288 -2.03 -6.26 -31.99
CA PHE A 288 -3.38 -6.67 -32.40
C PHE A 288 -4.42 -6.37 -31.32
N SER A 295 -2.29 -1.97 -35.19
CA SER A 295 -2.00 -3.06 -34.27
C SER A 295 -1.28 -2.64 -32.97
N PRO A 296 -0.12 -1.96 -33.06
CA PRO A 296 0.73 -1.80 -31.87
C PRO A 296 0.14 -0.88 -30.81
N ARG A 297 0.34 -1.27 -29.54
CA ARG A 297 -0.02 -0.46 -28.38
C ARG A 297 1.14 -0.52 -27.40
N THR A 298 1.71 0.63 -27.05
CA THR A 298 2.86 0.69 -26.17
C THR A 298 2.49 1.30 -24.82
N SER A 299 3.31 1.01 -23.82
CA SER A 299 3.23 1.63 -22.51
C SER A 299 4.64 1.85 -22.00
N GLU A 300 4.77 2.65 -20.95
CA GLU A 300 6.06 3.07 -20.43
C GLU A 300 6.26 2.54 -19.02
N VAL A 301 7.52 2.44 -18.61
CA VAL A 301 7.86 1.95 -17.28
C VAL A 301 8.85 2.92 -16.65
N SER A 302 8.73 3.12 -15.35
CA SER A 302 9.62 4.00 -14.62
C SER A 302 10.65 3.19 -13.84
N LEU A 303 11.89 3.65 -13.87
CA LEU A 303 12.99 3.05 -13.14
C LEU A 303 13.53 3.93 -12.03
N VAL A 304 12.91 5.08 -11.77
CA VAL A 304 13.38 6.00 -10.73
C VAL A 304 12.31 6.13 -9.67
N ASP A 305 12.69 5.88 -8.42
CA ASP A 305 11.85 6.09 -7.26
C ASP A 305 11.95 7.53 -6.80
N ARG A 306 10.98 7.91 -6.00
CA ARG A 306 11.17 9.06 -5.14
C ARG A 306 12.06 8.62 -3.98
N PRO A 307 13.07 9.41 -3.61
CA PRO A 307 13.98 9.01 -2.52
C PRO A 307 13.25 9.04 -1.19
N PRO A 308 13.82 8.42 -0.14
CA PRO A 308 13.20 8.48 1.19
C PRO A 308 12.84 9.91 1.56
N MET A 309 11.63 10.09 2.10
CA MET A 309 11.19 11.44 2.44
C MET A 309 12.07 12.09 3.52
N ASN A 310 12.69 11.29 4.39
CA ASN A 310 13.70 11.80 5.34
C ASN A 310 14.78 12.62 4.65
N THR A 311 15.08 12.29 3.39
CA THR A 311 16.02 13.04 2.58
C THR A 311 15.67 14.52 2.50
N LEU A 312 14.39 14.85 2.43
CA LEU A 312 14.00 16.24 2.23
C LEU A 312 13.87 17.03 3.53
N ARG A 313 14.22 16.45 4.68
CA ARG A 313 14.01 17.11 5.95
C ARG A 313 14.95 18.30 6.14
N GLY A 314 14.41 19.35 6.75
CA GLY A 314 15.07 20.62 6.88
C GLY A 314 14.80 21.58 5.74
N LYS A 315 14.45 21.06 4.56
CA LYS A 315 14.38 21.86 3.36
C LYS A 315 12.95 22.11 2.87
N LEU A 316 11.95 21.86 3.71
CA LEU A 316 10.57 22.07 3.31
C LEU A 316 9.97 23.25 4.08
N ALA A 317 9.15 24.05 3.39
CA ALA A 317 8.40 25.11 4.06
C ALA A 317 7.58 24.56 5.21
N ALA A 318 6.82 23.49 4.98
CA ALA A 318 6.13 22.76 6.03
C ALA A 318 7.06 21.66 6.55
N ALA A 319 7.32 21.68 7.86
CA ALA A 319 8.27 20.75 8.44
C ALA A 319 7.72 19.33 8.47
N LEU A 320 8.63 18.37 8.65
CA LEU A 320 8.29 16.96 8.69
C LEU A 320 8.43 16.40 10.11
CL CL B . 10.35 18.77 -9.99
C2 BGC C . -4.89 -3.06 -6.54
C3 BGC C . -4.29 -1.65 -6.39
C4 BGC C . -3.37 -1.23 -7.55
C5 BGC C . -2.41 -2.35 -7.97
C6 BGC C . -0.96 -1.99 -7.82
C1 BGC C . -3.96 -3.99 -7.31
O1 BGC C . -4.06 -5.29 -6.84
O2 BGC C . -6.15 -2.99 -7.18
O3 BGC C . -3.65 -1.52 -5.13
O4 BGC C . -4.14 -0.84 -8.68
O5 BGC C . -2.63 -3.52 -7.19
O6 BGC C . -0.75 -0.58 -7.87
CL CL D . 12.23 1.81 10.80
CL CL E . -3.72 -8.19 -8.83
CL CL F . 0.72 14.37 -13.17
C1 MLI G . -5.19 6.54 -7.67
C2 MLI G . -6.54 5.93 -8.20
C3 MLI G . -4.06 6.86 -8.69
O6 MLI G . -7.62 6.34 -7.71
O7 MLI G . -6.52 5.04 -9.09
O8 MLI G . -4.17 6.18 -9.74
O9 MLI G . -3.14 7.70 -8.44
#